data_2AXM
#
_entry.id   2AXM
#
_cell.length_a   91.100
_cell.length_b   91.100
_cell.length_c   193.900
_cell.angle_alpha   90.00
_cell.angle_beta   90.00
_cell.angle_gamma   120.00
#
_symmetry.space_group_name_H-M   'P 61 2 2'
#
loop_
_entity.id
_entity.type
_entity.pdbx_description
1 polymer 'ACIDIC FIBROBLAST GROWTH FACTOR'
2 branched '2-O-sulfo-alpha-L-idopyranuronic acid-(1-4)-2-deoxy-6-O-sulfo-2-(sulfoamino)-alpha-D-glucopyranose-(1-4)-2-O-sulfo-alpha-L-idopyranuronic acid-(1-4)-2-deoxy-6-O-sulfo-2-(sulfoamino)-alpha-D-glucopyranose-(1-4)-2-O-sulfo-alpha-L-idopyranuronic acid-(1-4)-2-deoxy-6-O-sulfo-2-(sulfoamino)-alpha-D-glucopyranose'
3 water water
#
_entity_poly.entity_id   1
_entity_poly.type   'polypeptide(L)'
_entity_poly.pdbx_seq_one_letter_code
;GNYKKPKLLYCSNGGHFLRILPDGTVDGTRDRSDQHIQLQLSAESVGEVYIKSTETGQYLAMDTDGLLYGSQTPNEECLF
LERLEENHYNTYISKKHAEKNWFVGLKKNGSCKRGPRTHYGQKAILFLPLPVSSD
;
_entity_poly.pdbx_strand_id   A,B
#
loop_
_chem_comp.id
_chem_comp.type
_chem_comp.name
_chem_comp.formula
IDS L-saccharide, alpha linking '2-O-sulfo-alpha-L-idopyranuronic acid' 'C6 H10 O10 S'
SGN D-saccharide, alpha linking 2-deoxy-6-O-sulfo-2-(sulfoamino)-alpha-D-glucopyranose 'C6 H13 N O11 S2'
#
# COMPACT_ATOMS: atom_id res chain seq x y z
N LYS A 4 32.53 -2.06 0.61
CA LYS A 4 32.02 -2.25 2.02
C LYS A 4 32.56 -1.26 3.04
N LYS A 5 32.13 -0.02 2.85
CA LYS A 5 32.47 1.11 3.69
C LYS A 5 31.09 1.39 4.28
N PRO A 6 31.01 2.24 5.31
CA PRO A 6 29.72 2.54 5.92
C PRO A 6 28.70 3.01 4.87
N LYS A 7 27.57 2.33 4.84
CA LYS A 7 26.53 2.64 3.89
C LYS A 7 25.26 3.09 4.59
N LEU A 8 24.38 3.63 3.76
CA LEU A 8 23.07 4.07 4.17
C LEU A 8 22.11 3.07 3.50
N LEU A 9 21.13 2.62 4.27
CA LEU A 9 20.11 1.71 3.77
C LEU A 9 18.82 2.49 3.47
N TYR A 10 18.73 2.87 2.19
CA TYR A 10 17.64 3.67 1.70
C TYR A 10 16.47 2.84 1.20
N CYS A 11 15.31 3.06 1.81
CA CYS A 11 14.09 2.34 1.47
C CYS A 11 13.22 3.22 0.60
N SER A 12 12.96 2.74 -0.63
CA SER A 12 12.13 3.47 -1.62
C SER A 12 10.67 3.69 -1.20
N ASN A 13 10.11 2.77 -0.45
CA ASN A 13 8.74 2.95 0.03
C ASN A 13 8.73 4.08 1.06
N GLY A 14 8.47 5.29 0.59
CA GLY A 14 8.47 6.43 1.49
C GLY A 14 9.75 7.24 1.43
N GLY A 15 10.82 6.63 0.90
CA GLY A 15 12.11 7.30 0.75
C GLY A 15 12.79 7.63 2.06
N HIS A 16 13.15 6.60 2.81
CA HIS A 16 13.78 6.75 4.12
C HIS A 16 15.12 6.06 4.29
N PHE A 17 15.76 6.40 5.41
CA PHE A 17 17.03 5.84 5.79
C PHE A 17 16.74 5.03 7.03
N LEU A 18 17.02 3.75 6.92
CA LEU A 18 16.76 2.83 7.99
C LEU A 18 17.68 3.28 9.07
N ARG A 19 17.21 3.28 10.30
CA ARG A 19 18.07 3.70 11.36
C ARG A 19 17.72 3.03 12.68
N ILE A 20 18.75 2.85 13.51
CA ILE A 20 18.64 2.23 14.83
C ILE A 20 19.01 3.28 15.89
N LEU A 21 18.01 3.68 16.66
CA LEU A 21 18.17 4.68 17.72
C LEU A 21 19.03 4.19 18.87
N PRO A 22 19.62 5.12 19.65
CA PRO A 22 20.45 4.68 20.77
C PRO A 22 19.68 3.69 21.63
N ASP A 23 18.39 3.93 21.78
CA ASP A 23 17.56 3.06 22.59
C ASP A 23 17.04 1.85 21.83
N GLY A 24 17.83 1.32 20.91
CA GLY A 24 17.44 0.12 20.18
C GLY A 24 16.22 0.14 19.29
N THR A 25 15.57 1.30 19.16
CA THR A 25 14.41 1.37 18.30
C THR A 25 14.86 1.47 16.84
N VAL A 26 14.24 0.66 16.00
CA VAL A 26 14.58 0.68 14.60
C VAL A 26 13.41 1.23 13.78
N ASP A 27 13.73 2.19 12.93
CA ASP A 27 12.74 2.76 12.05
C ASP A 27 13.49 3.44 10.93
N GLY A 28 12.83 4.36 10.23
CA GLY A 28 13.49 5.06 9.14
C GLY A 28 13.33 6.57 9.27
N THR A 29 14.14 7.33 8.54
CA THR A 29 14.05 8.77 8.58
C THR A 29 14.53 9.38 7.28
N ARG A 30 14.13 10.62 7.08
CA ARG A 30 14.49 11.36 5.87
C ARG A 30 15.64 12.35 6.02
N ASP A 31 16.10 12.56 7.24
CA ASP A 31 17.20 13.46 7.49
C ASP A 31 18.53 12.81 7.12
N ARG A 32 19.17 13.39 6.12
CA ARG A 32 20.45 12.87 5.67
C ARG A 32 21.50 13.07 6.78
N SER A 33 21.22 14.02 7.68
CA SER A 33 22.09 14.38 8.81
C SER A 33 21.93 13.56 10.08
N ASP A 34 21.13 12.50 10.04
CA ASP A 34 20.91 11.70 11.23
C ASP A 34 22.13 10.90 11.65
N GLN A 35 22.46 10.97 12.93
CA GLN A 35 23.64 10.27 13.45
C GLN A 35 23.54 8.76 13.56
N HIS A 36 22.38 8.19 13.27
CA HIS A 36 22.21 6.74 13.38
C HIS A 36 21.75 6.07 12.11
N ILE A 37 22.06 6.63 10.95
CA ILE A 37 21.67 6.03 9.67
C ILE A 37 22.87 5.34 8.98
N GLN A 38 24.06 5.53 9.56
CA GLN A 38 25.32 4.97 9.05
C GLN A 38 25.49 3.53 9.55
N LEU A 39 25.40 2.58 8.62
CA LEU A 39 25.50 1.16 8.96
C LEU A 39 26.69 0.53 8.32
N GLN A 40 27.27 -0.46 8.98
CA GLN A 40 28.42 -1.18 8.42
C GLN A 40 27.89 -2.55 8.10
N LEU A 41 28.08 -3.04 6.87
CA LEU A 41 27.55 -4.35 6.56
C LEU A 41 28.55 -5.50 6.49
N SER A 42 28.63 -6.26 7.57
CA SER A 42 29.56 -7.38 7.65
C SER A 42 29.00 -8.66 7.03
N ALA A 43 29.70 -9.20 6.03
CA ALA A 43 29.25 -10.42 5.36
C ALA A 43 29.79 -11.61 6.11
N GLU A 44 28.91 -12.27 6.85
CA GLU A 44 29.28 -13.41 7.66
C GLU A 44 29.10 -14.74 6.94
N SER A 45 29.10 -14.68 5.62
CA SER A 45 28.97 -15.85 4.77
C SER A 45 28.47 -15.40 3.42
N VAL A 46 28.65 -16.29 2.45
CA VAL A 46 28.30 -16.06 1.05
C VAL A 46 27.07 -15.22 0.71
N GLY A 47 26.02 -15.27 1.52
CA GLY A 47 24.85 -14.45 1.21
C GLY A 47 24.26 -13.95 2.50
N GLU A 48 25.08 -13.97 3.53
CA GLU A 48 24.64 -13.56 4.83
C GLU A 48 25.32 -12.26 5.23
N VAL A 49 24.63 -11.47 6.04
CA VAL A 49 25.17 -10.20 6.46
C VAL A 49 24.73 -9.78 7.86
N TYR A 50 25.49 -8.82 8.38
CA TYR A 50 25.28 -8.22 9.69
C TYR A 50 25.19 -6.78 9.35
N ILE A 51 24.29 -6.09 10.03
CA ILE A 51 24.07 -4.67 9.79
C ILE A 51 24.15 -3.97 11.15
N LYS A 52 25.24 -3.23 11.34
CA LYS A 52 25.49 -2.56 12.61
C LYS A 52 25.56 -1.03 12.57
N SER A 53 24.96 -0.40 13.58
CA SER A 53 24.95 1.06 13.70
C SER A 53 26.32 1.46 14.15
N THR A 54 27.13 1.98 13.24
CA THR A 54 28.47 2.39 13.64
C THR A 54 28.39 3.41 14.79
N GLU A 55 27.43 4.31 14.73
CA GLU A 55 27.30 5.29 15.79
C GLU A 55 27.00 4.71 17.20
N THR A 56 26.29 3.58 17.31
CA THR A 56 25.98 3.00 18.63
C THR A 56 26.45 1.56 18.83
N GLY A 57 27.07 0.98 17.82
CA GLY A 57 27.53 -0.40 17.93
C GLY A 57 26.43 -1.47 17.82
N GLN A 58 25.18 -1.10 18.03
CA GLN A 58 24.06 -2.03 17.98
C GLN A 58 23.92 -2.73 16.62
N TYR A 59 23.38 -3.95 16.65
CA TYR A 59 23.18 -4.69 15.43
C TYR A 59 21.69 -4.84 15.14
N LEU A 60 21.34 -4.73 13.87
CA LEU A 60 19.95 -4.86 13.49
C LEU A 60 19.63 -6.32 13.74
N ALA A 61 18.49 -6.54 14.40
CA ALA A 61 18.03 -7.88 14.71
C ALA A 61 16.51 -7.86 14.66
N MET A 62 15.93 -9.02 14.37
CA MET A 62 14.47 -9.18 14.32
C MET A 62 14.09 -10.23 15.37
N ASP A 63 13.20 -9.85 16.29
CA ASP A 63 12.76 -10.77 17.32
C ASP A 63 11.83 -11.85 16.81
N THR A 64 11.31 -12.65 17.72
CA THR A 64 10.45 -13.77 17.34
C THR A 64 9.08 -13.42 16.79
N ASP A 65 8.75 -12.13 16.80
CA ASP A 65 7.48 -11.65 16.29
C ASP A 65 7.66 -10.72 15.09
N GLY A 66 8.87 -10.74 14.52
CA GLY A 66 9.21 -9.93 13.36
C GLY A 66 9.56 -8.46 13.59
N LEU A 67 9.59 -8.03 14.84
CA LEU A 67 9.90 -6.65 15.18
C LEU A 67 11.40 -6.48 15.15
N LEU A 68 11.85 -5.42 14.51
CA LEU A 68 13.26 -5.16 14.42
C LEU A 68 13.64 -4.36 15.66
N TYR A 69 14.86 -4.59 16.13
CA TYR A 69 15.37 -3.90 17.30
C TYR A 69 16.88 -3.93 17.21
N GLY A 70 17.50 -3.12 18.06
CA GLY A 70 18.95 -3.02 18.10
C GLY A 70 19.59 -3.77 19.26
N SER A 71 20.27 -4.87 18.93
CA SER A 71 20.95 -5.71 19.91
C SER A 71 22.39 -5.28 20.12
N GLN A 72 22.88 -5.34 21.35
CA GLN A 72 24.27 -4.95 21.58
C GLN A 72 25.25 -6.04 21.11
N THR A 73 24.90 -7.31 21.29
CA THR A 73 25.78 -8.38 20.83
C THR A 73 25.25 -8.94 19.52
N PRO A 74 26.12 -9.58 18.73
CA PRO A 74 25.71 -10.16 17.44
C PRO A 74 25.23 -11.62 17.44
N ASN A 75 24.07 -11.89 18.04
CA ASN A 75 23.52 -13.26 18.08
C ASN A 75 22.92 -13.73 16.76
N GLU A 76 22.33 -14.92 16.82
CA GLU A 76 21.69 -15.57 15.68
C GLU A 76 20.56 -14.76 15.02
N GLU A 77 19.84 -14.00 15.86
CA GLU A 77 18.73 -13.15 15.43
C GLU A 77 19.14 -11.92 14.65
N CYS A 78 20.45 -11.76 14.46
CA CYS A 78 21.06 -10.61 13.74
C CYS A 78 21.53 -10.85 12.30
N LEU A 79 21.39 -12.07 11.81
CA LEU A 79 21.81 -12.39 10.45
C LEU A 79 20.66 -12.23 9.45
N PHE A 80 21.00 -11.79 8.24
CA PHE A 80 20.00 -11.64 7.19
C PHE A 80 20.57 -12.18 5.89
N LEU A 81 19.72 -12.75 5.07
CA LEU A 81 20.17 -13.27 3.80
C LEU A 81 19.93 -12.13 2.79
N GLU A 82 21.00 -11.45 2.41
CA GLU A 82 20.88 -10.30 1.51
C GLU A 82 20.66 -10.73 0.09
N ARG A 83 19.52 -10.35 -0.49
CA ARG A 83 19.23 -10.70 -1.86
C ARG A 83 18.96 -9.52 -2.73
N LEU A 84 19.30 -9.71 -4.01
CA LEU A 84 19.14 -8.69 -5.02
C LEU A 84 17.86 -9.05 -5.75
N GLU A 85 17.03 -8.05 -6.02
CA GLU A 85 15.83 -8.36 -6.75
C GLU A 85 15.75 -7.72 -8.18
N GLU A 86 14.68 -8.05 -8.88
CA GLU A 86 14.35 -7.64 -10.25
C GLU A 86 14.77 -6.24 -10.70
N ASN A 87 14.37 -5.23 -9.94
CA ASN A 87 14.66 -3.81 -10.22
C ASN A 87 16.01 -3.38 -9.65
N HIS A 88 16.77 -4.39 -9.23
CA HIS A 88 18.10 -4.19 -8.70
C HIS A 88 18.16 -3.48 -7.36
N TYR A 89 17.46 -4.04 -6.38
CA TYR A 89 17.47 -3.53 -5.02
C TYR A 89 17.92 -4.67 -4.19
N ASN A 90 18.16 -4.37 -2.92
CA ASN A 90 18.57 -5.39 -1.99
C ASN A 90 17.43 -5.51 -1.03
N THR A 91 17.13 -6.76 -0.68
CA THR A 91 16.08 -7.12 0.26
C THR A 91 16.82 -8.00 1.24
N TYR A 92 16.48 -7.85 2.51
CA TYR A 92 17.12 -8.65 3.55
C TYR A 92 16.09 -9.43 4.32
N ILE A 93 16.15 -10.74 4.20
CA ILE A 93 15.21 -11.59 4.91
C ILE A 93 15.90 -12.27 6.13
N SER A 94 15.24 -12.20 7.30
CA SER A 94 15.74 -12.82 8.52
C SER A 94 16.17 -14.26 8.27
N LYS A 95 17.40 -14.60 8.64
CA LYS A 95 17.84 -15.95 8.44
C LYS A 95 17.11 -16.91 9.42
N LYS A 96 16.91 -16.47 10.66
CA LYS A 96 16.24 -17.30 11.67
C LYS A 96 14.87 -17.75 11.21
N HIS A 97 14.06 -16.77 10.80
CA HIS A 97 12.69 -16.98 10.32
C HIS A 97 12.56 -17.05 8.81
N ALA A 98 13.65 -17.35 8.12
CA ALA A 98 13.63 -17.40 6.67
C ALA A 98 12.39 -18.15 6.16
N GLU A 99 12.03 -19.24 6.82
CA GLU A 99 10.87 -19.98 6.39
C GLU A 99 9.54 -19.17 6.49
N LYS A 100 9.50 -18.16 7.34
CA LYS A 100 8.27 -17.38 7.48
C LYS A 100 8.11 -16.26 6.51
N ASN A 101 9.17 -15.99 5.75
CA ASN A 101 9.25 -14.93 4.76
C ASN A 101 9.14 -13.58 5.42
N TRP A 102 9.99 -13.38 6.43
CA TRP A 102 10.02 -12.14 7.20
C TRP A 102 11.22 -11.27 6.84
N PHE A 103 10.94 -10.14 6.22
CA PHE A 103 12.02 -9.23 5.80
C PHE A 103 12.25 -8.00 6.66
N VAL A 104 13.26 -7.25 6.29
CA VAL A 104 13.54 -5.99 6.97
C VAL A 104 12.75 -5.01 6.09
N GLY A 105 11.84 -4.24 6.66
CA GLY A 105 11.08 -3.33 5.82
C GLY A 105 10.55 -2.09 6.51
N LEU A 106 10.23 -1.08 5.73
CA LEU A 106 9.73 0.17 6.30
C LEU A 106 8.39 0.52 5.70
N LYS A 107 7.50 1.03 6.52
CA LYS A 107 6.21 1.40 5.99
C LYS A 107 6.43 2.70 5.28
N LYS A 108 5.44 3.09 4.48
CA LYS A 108 5.51 4.33 3.73
C LYS A 108 5.84 5.52 4.64
N ASN A 109 5.18 5.59 5.79
CA ASN A 109 5.37 6.65 6.79
C ASN A 109 6.66 6.50 7.60
N GLY A 110 7.57 5.62 7.15
CA GLY A 110 8.84 5.42 7.84
C GLY A 110 8.90 4.59 9.11
N SER A 111 7.78 4.04 9.55
CA SER A 111 7.81 3.22 10.76
C SER A 111 8.11 1.82 10.31
N CYS A 112 8.98 1.14 11.05
CA CYS A 112 9.35 -0.25 10.75
C CYS A 112 8.09 -1.12 10.46
N LYS A 113 8.17 -1.91 9.40
CA LYS A 113 7.06 -2.76 9.02
C LYS A 113 7.31 -4.12 9.61
N ARG A 114 6.41 -4.55 10.48
CA ARG A 114 6.49 -5.85 11.17
C ARG A 114 6.85 -6.98 10.23
N GLY A 115 7.70 -7.87 10.71
CA GLY A 115 8.11 -9.02 9.91
C GLY A 115 7.03 -9.87 9.25
N PRO A 116 5.95 -10.24 9.96
CA PRO A 116 4.91 -11.05 9.34
C PRO A 116 4.02 -10.24 8.43
N ARG A 117 4.26 -8.94 8.37
CA ARG A 117 3.47 -8.08 7.51
C ARG A 117 4.23 -7.77 6.23
N THR A 118 5.46 -8.26 6.15
CA THR A 118 6.28 -8.06 4.97
C THR A 118 6.16 -9.31 4.14
N HIS A 119 6.55 -9.20 2.87
CA HIS A 119 6.50 -10.36 2.03
C HIS A 119 7.31 -10.08 0.79
N TYR A 120 7.79 -11.16 0.18
CA TYR A 120 8.54 -11.10 -1.06
C TYR A 120 7.66 -10.41 -2.10
N GLY A 121 8.20 -9.40 -2.77
CA GLY A 121 7.42 -8.70 -3.77
C GLY A 121 7.09 -7.27 -3.35
N GLN A 122 6.79 -7.07 -2.06
CA GLN A 122 6.44 -5.75 -1.51
C GLN A 122 7.51 -4.74 -1.76
N LYS A 123 7.08 -3.53 -2.02
CA LYS A 123 8.05 -2.48 -2.26
C LYS A 123 8.67 -2.01 -0.94
N ALA A 124 8.04 -2.36 0.19
CA ALA A 124 8.55 -1.98 1.51
C ALA A 124 9.83 -2.73 1.90
N ILE A 125 10.15 -3.81 1.18
CA ILE A 125 11.36 -4.57 1.49
C ILE A 125 12.58 -4.19 0.65
N LEU A 126 12.40 -3.23 -0.27
CA LEU A 126 13.48 -2.77 -1.13
C LEU A 126 14.38 -1.68 -0.54
N PHE A 127 15.66 -2.01 -0.47
CA PHE A 127 16.71 -1.13 0.03
C PHE A 127 17.83 -0.92 -0.98
N LEU A 128 18.35 0.29 -0.97
CA LEU A 128 19.42 0.68 -1.87
C LEU A 128 20.57 1.22 -1.03
N PRO A 129 21.69 0.48 -0.98
CA PRO A 129 22.81 0.99 -0.18
C PRO A 129 23.39 2.22 -0.85
N LEU A 130 23.48 3.29 -0.10
CA LEU A 130 24.06 4.48 -0.65
C LEU A 130 25.31 4.78 0.16
N PRO A 131 26.32 5.44 -0.44
CA PRO A 131 27.60 5.82 0.16
C PRO A 131 27.45 6.97 1.18
N VAL A 132 28.05 6.76 2.36
CA VAL A 132 28.01 7.71 3.45
C VAL A 132 29.09 8.83 3.35
N SER A 133 28.93 9.89 4.15
CA SER A 133 29.86 11.03 4.20
C SER A 133 29.86 11.84 2.91
N PRO B 6 -31.32 10.22 -6.44
CA PRO B 6 -29.93 10.74 -6.40
C PRO B 6 -29.25 10.34 -5.05
N LYS B 7 -28.17 9.53 -5.11
CA LYS B 7 -27.47 9.00 -3.91
C LYS B 7 -25.96 9.37 -3.81
N LEU B 8 -25.41 9.19 -2.60
CA LEU B 8 -23.99 9.44 -2.30
C LEU B 8 -23.38 8.08 -2.07
N LEU B 9 -22.16 7.88 -2.56
CA LEU B 9 -21.58 6.57 -2.33
C LEU B 9 -20.43 6.59 -1.30
N TYR B 10 -20.82 6.23 -0.09
CA TYR B 10 -19.98 6.20 1.07
C TYR B 10 -19.17 4.93 1.30
N CYS B 11 -17.86 5.05 1.18
CA CYS B 11 -16.97 3.94 1.41
C CYS B 11 -16.54 4.00 2.85
N SER B 12 -16.86 2.96 3.60
CA SER B 12 -16.50 2.88 5.01
C SER B 12 -14.99 2.87 5.17
N ASN B 13 -14.29 2.05 4.39
CA ASN B 13 -12.82 1.95 4.40
C ASN B 13 -12.22 3.37 4.24
N GLY B 14 -12.05 4.04 5.37
CA GLY B 14 -11.54 5.41 5.30
C GLY B 14 -12.65 6.47 5.31
N GLY B 15 -13.88 6.10 4.97
CA GLY B 15 -14.94 7.09 4.99
C GLY B 15 -14.83 8.29 4.06
N HIS B 16 -15.02 8.04 2.77
CA HIS B 16 -14.96 9.06 1.73
C HIS B 16 -16.17 8.82 0.86
N PHE B 17 -16.53 9.85 0.12
CA PHE B 17 -17.65 9.78 -0.78
C PHE B 17 -17.02 9.67 -2.18
N LEU B 18 -17.35 8.58 -2.88
CA LEU B 18 -16.84 8.34 -4.22
C LEU B 18 -17.25 9.52 -5.11
N ARG B 19 -16.29 10.10 -5.81
CA ARG B 19 -16.64 11.24 -6.63
C ARG B 19 -15.86 11.39 -7.93
N ILE B 20 -16.58 11.84 -8.95
CA ILE B 20 -16.02 12.03 -10.28
C ILE B 20 -15.83 13.53 -10.53
N LEU B 21 -14.57 13.96 -10.53
CA LEU B 21 -14.23 15.35 -10.77
C LEU B 21 -14.62 15.77 -12.18
N PRO B 22 -14.73 17.10 -12.42
CA PRO B 22 -15.10 17.59 -13.76
C PRO B 22 -14.08 17.14 -14.79
N ASP B 23 -12.83 17.08 -14.40
CA ASP B 23 -11.77 16.65 -15.32
C ASP B 23 -11.72 15.15 -15.53
N GLY B 24 -12.76 14.43 -15.12
CA GLY B 24 -12.81 12.98 -15.30
C GLY B 24 -12.18 12.09 -14.23
N THR B 25 -11.44 12.69 -13.31
CA THR B 25 -10.75 11.98 -12.21
C THR B 25 -11.70 11.39 -11.15
N VAL B 26 -11.50 10.14 -10.76
CA VAL B 26 -12.37 9.55 -9.76
C VAL B 26 -11.58 9.21 -8.52
N ASP B 27 -12.05 9.72 -7.38
CA ASP B 27 -11.43 9.48 -6.09
C ASP B 27 -12.53 9.64 -5.03
N GLY B 28 -12.12 9.73 -3.78
CA GLY B 28 -13.10 9.90 -2.72
C GLY B 28 -12.81 11.13 -1.87
N THR B 29 -13.86 11.72 -1.29
CA THR B 29 -13.67 12.91 -0.47
C THR B 29 -14.53 12.88 0.79
N ARG B 30 -14.05 13.58 1.84
CA ARG B 30 -14.72 13.67 3.15
C ARG B 30 -15.79 14.76 3.28
N ASP B 31 -15.65 15.82 2.47
CA ASP B 31 -16.58 16.92 2.55
C ASP B 31 -17.93 16.58 1.92
N ARG B 32 -18.98 16.78 2.70
CA ARG B 32 -20.33 16.50 2.24
C ARG B 32 -20.80 17.48 1.18
N SER B 33 -20.23 18.67 1.21
CA SER B 33 -20.57 19.74 0.29
C SER B 33 -19.94 19.65 -1.11
N ASP B 34 -19.23 18.56 -1.38
CA ASP B 34 -18.55 18.40 -2.68
C ASP B 34 -19.57 18.39 -3.79
N GLN B 35 -19.37 19.30 -4.72
CA GLN B 35 -20.27 19.39 -5.84
C GLN B 35 -20.30 18.14 -6.69
N HIS B 36 -19.37 17.22 -6.48
CA HIS B 36 -19.36 16.03 -7.31
C HIS B 36 -19.58 14.66 -6.66
N ILE B 37 -20.06 14.62 -5.43
CA ILE B 37 -20.27 13.35 -4.77
C ILE B 37 -21.70 12.83 -4.98
N GLN B 38 -22.50 13.60 -5.71
CA GLN B 38 -23.89 13.24 -5.97
C GLN B 38 -24.03 12.43 -7.25
N LEU B 39 -24.49 11.19 -7.12
CA LEU B 39 -24.63 10.31 -8.29
C LEU B 39 -26.04 9.73 -8.42
N GLN B 40 -26.38 9.32 -9.64
CA GLN B 40 -27.65 8.69 -9.95
C GLN B 40 -27.29 7.28 -10.44
N LEU B 41 -28.01 6.26 -10.00
CA LEU B 41 -27.75 4.90 -10.45
C LEU B 41 -28.86 4.39 -11.37
N SER B 42 -28.61 4.35 -12.67
CA SER B 42 -29.62 3.86 -13.61
C SER B 42 -29.46 2.35 -13.70
N ALA B 43 -30.43 1.58 -13.22
CA ALA B 43 -30.32 0.12 -13.30
C ALA B 43 -30.59 -0.39 -14.72
N GLU B 44 -29.54 -0.78 -15.45
CA GLU B 44 -29.73 -1.29 -16.83
C GLU B 44 -30.14 -2.75 -16.99
N SER B 45 -30.64 -3.35 -15.92
CA SER B 45 -31.11 -4.72 -15.95
C SER B 45 -31.34 -5.15 -14.51
N VAL B 46 -31.55 -6.45 -14.34
CA VAL B 46 -31.80 -7.07 -13.05
C VAL B 46 -30.82 -6.82 -11.88
N GLY B 47 -29.58 -6.44 -12.20
CA GLY B 47 -28.61 -6.17 -11.15
C GLY B 47 -27.46 -5.37 -11.69
N GLU B 48 -27.70 -4.71 -12.81
CA GLU B 48 -26.70 -3.90 -13.49
C GLU B 48 -27.06 -2.48 -13.28
N VAL B 49 -26.07 -1.63 -13.15
CA VAL B 49 -26.39 -0.22 -12.98
C VAL B 49 -25.39 0.67 -13.69
N TYR B 50 -25.79 1.92 -13.82
CA TYR B 50 -24.94 2.93 -14.42
C TYR B 50 -24.83 3.95 -13.32
N ILE B 51 -23.64 4.48 -13.13
CA ILE B 51 -23.47 5.45 -12.08
C ILE B 51 -23.01 6.74 -12.72
N LYS B 52 -23.90 7.73 -12.75
CA LYS B 52 -23.59 9.03 -13.37
C LYS B 52 -23.55 10.22 -12.43
N SER B 53 -22.50 11.04 -12.52
CA SER B 53 -22.35 12.24 -11.69
C SER B 53 -23.30 13.31 -12.24
N THR B 54 -24.47 13.43 -11.63
CA THR B 54 -25.48 14.38 -12.08
C THR B 54 -24.87 15.74 -12.39
N GLU B 55 -23.98 16.19 -11.50
CA GLU B 55 -23.33 17.49 -11.63
C GLU B 55 -22.50 17.67 -12.89
N THR B 56 -21.99 16.59 -13.46
CA THR B 56 -21.21 16.73 -14.69
C THR B 56 -21.66 15.71 -15.74
N GLY B 57 -22.71 14.94 -15.42
CA GLY B 57 -23.22 13.95 -16.34
C GLY B 57 -22.27 12.90 -16.85
N GLN B 58 -21.05 12.83 -16.29
CA GLN B 58 -20.06 11.82 -16.70
C GLN B 58 -20.47 10.52 -16.02
N TYR B 59 -20.05 9.39 -16.60
CA TYR B 59 -20.36 8.07 -16.03
C TYR B 59 -19.16 7.46 -15.35
N LEU B 60 -19.41 6.59 -14.36
CA LEU B 60 -18.33 5.90 -13.67
C LEU B 60 -17.97 4.76 -14.61
N ALA B 61 -16.69 4.74 -14.98
CA ALA B 61 -16.18 3.71 -15.87
C ALA B 61 -14.85 3.19 -15.38
N MET B 62 -14.54 1.96 -15.77
CA MET B 62 -13.28 1.34 -15.41
C MET B 62 -12.54 0.92 -16.68
N ASP B 63 -11.38 1.53 -16.92
CA ASP B 63 -10.59 1.22 -18.11
C ASP B 63 -10.05 -0.22 -18.12
N THR B 64 -9.16 -0.54 -19.06
CA THR B 64 -8.60 -1.90 -19.16
C THR B 64 -7.45 -2.27 -18.19
N ASP B 65 -7.24 -1.43 -17.18
CA ASP B 65 -6.20 -1.58 -16.15
C ASP B 65 -6.83 -1.53 -14.77
N GLY B 66 -8.15 -1.38 -14.75
CA GLY B 66 -8.86 -1.31 -13.50
C GLY B 66 -8.95 0.09 -12.92
N LEU B 67 -8.47 1.10 -13.61
CA LEU B 67 -8.56 2.47 -13.10
C LEU B 67 -9.99 3.00 -13.29
N LEU B 68 -10.49 3.79 -12.34
CA LEU B 68 -11.83 4.36 -12.48
C LEU B 68 -11.66 5.70 -13.13
N TYR B 69 -12.61 6.07 -13.98
CA TYR B 69 -12.54 7.35 -14.65
C TYR B 69 -13.96 7.79 -14.97
N GLY B 70 -14.07 9.02 -15.45
CA GLY B 70 -15.35 9.56 -15.83
C GLY B 70 -15.48 9.72 -17.34
N SER B 71 -16.30 8.90 -17.97
CA SER B 71 -16.52 8.96 -19.43
C SER B 71 -17.76 9.80 -19.67
N GLN B 72 -17.79 10.59 -20.73
CA GLN B 72 -19.00 11.37 -20.96
C GLN B 72 -20.10 10.55 -21.64
N THR B 73 -19.74 9.47 -22.31
CA THR B 73 -20.72 8.59 -22.95
C THR B 73 -20.83 7.32 -22.16
N PRO B 74 -21.97 6.65 -22.24
CA PRO B 74 -22.19 5.42 -21.52
C PRO B 74 -21.77 4.13 -22.24
N ASN B 75 -20.51 4.02 -22.64
CA ASN B 75 -20.05 2.81 -23.32
C ASN B 75 -20.10 1.61 -22.35
N GLU B 76 -19.73 0.43 -22.86
CA GLU B 76 -19.68 -0.83 -22.09
C GLU B 76 -18.82 -0.80 -20.80
N GLU B 77 -17.73 -0.02 -20.83
CA GLU B 77 -16.84 0.09 -19.66
C GLU B 77 -17.55 0.79 -18.48
N CYS B 78 -18.80 1.20 -18.69
CA CYS B 78 -19.57 1.89 -17.67
C CYS B 78 -20.58 1.07 -16.90
N LEU B 79 -20.69 -0.21 -17.25
CA LEU B 79 -21.69 -1.03 -16.62
C LEU B 79 -21.11 -1.89 -15.52
N PHE B 80 -21.81 -1.94 -14.39
CA PHE B 80 -21.36 -2.72 -13.24
C PHE B 80 -22.46 -3.57 -12.60
N LEU B 81 -22.08 -4.73 -12.08
CA LEU B 81 -23.02 -5.62 -11.42
C LEU B 81 -23.00 -5.27 -9.94
N GLU B 82 -24.12 -4.73 -9.50
CA GLU B 82 -24.28 -4.33 -8.12
C GLU B 82 -24.73 -5.51 -7.29
N ARG B 83 -23.96 -5.83 -6.27
CA ARG B 83 -24.31 -6.91 -5.39
C ARG B 83 -24.37 -6.32 -4.01
N LEU B 84 -25.21 -6.94 -3.19
CA LEU B 84 -25.43 -6.49 -1.84
C LEU B 84 -24.60 -7.30 -0.86
N GLU B 85 -23.85 -6.57 -0.06
CA GLU B 85 -23.02 -7.17 0.93
C GLU B 85 -23.25 -6.67 2.31
N GLU B 86 -23.20 -7.60 3.26
CA GLU B 86 -23.38 -7.31 4.67
C GLU B 86 -24.62 -6.51 4.98
N ASN B 87 -25.74 -7.03 4.50
CA ASN B 87 -27.06 -6.46 4.72
C ASN B 87 -27.31 -5.05 4.25
N HIS B 88 -26.30 -4.28 3.91
CA HIS B 88 -26.60 -2.92 3.49
C HIS B 88 -25.47 -2.13 2.87
N TYR B 89 -24.50 -2.85 2.36
CA TYR B 89 -23.43 -2.21 1.66
C TYR B 89 -23.52 -2.83 0.27
N ASN B 90 -23.13 -2.02 -0.71
CA ASN B 90 -23.15 -2.43 -2.09
C ASN B 90 -21.73 -2.54 -2.61
N THR B 91 -21.53 -3.51 -3.49
CA THR B 91 -20.24 -3.70 -4.10
C THR B 91 -20.61 -3.70 -5.56
N TYR B 92 -19.78 -3.12 -6.39
CA TYR B 92 -20.09 -3.08 -7.81
C TYR B 92 -18.92 -3.66 -8.59
N ILE B 93 -19.17 -4.77 -9.27
CA ILE B 93 -18.09 -5.34 -10.06
C ILE B 93 -18.21 -4.99 -11.51
N SER B 94 -17.07 -4.70 -12.11
CA SER B 94 -17.03 -4.32 -13.52
C SER B 94 -17.64 -5.47 -14.26
N LYS B 95 -18.71 -5.20 -15.01
CA LYS B 95 -19.33 -6.26 -15.78
C LYS B 95 -18.38 -6.69 -16.89
N LYS B 96 -17.72 -5.71 -17.50
CA LYS B 96 -16.76 -6.03 -18.55
C LYS B 96 -15.60 -6.87 -18.00
N HIS B 97 -15.07 -6.55 -16.82
CA HIS B 97 -13.97 -7.36 -16.28
C HIS B 97 -14.45 -8.18 -15.12
N ALA B 98 -15.69 -8.60 -15.20
CA ALA B 98 -16.28 -9.38 -14.14
C ALA B 98 -15.41 -10.55 -13.82
N GLU B 99 -14.96 -11.21 -14.88
CA GLU B 99 -14.14 -12.38 -14.77
C GLU B 99 -12.81 -12.21 -14.02
N LYS B 100 -12.32 -10.97 -13.97
CA LYS B 100 -11.06 -10.69 -13.30
C LYS B 100 -11.24 -10.34 -11.84
N ASN B 101 -12.49 -10.20 -11.41
CA ASN B 101 -12.84 -9.85 -10.05
C ASN B 101 -12.34 -8.47 -9.77
N TRP B 102 -12.79 -7.54 -10.59
CA TRP B 102 -12.42 -6.15 -10.46
C TRP B 102 -13.59 -5.34 -9.95
N PHE B 103 -13.49 -4.73 -8.77
CA PHE B 103 -14.60 -3.91 -8.23
C PHE B 103 -14.25 -2.46 -8.07
N VAL B 104 -15.29 -1.66 -7.88
CA VAL B 104 -15.11 -0.23 -7.60
C VAL B 104 -14.58 -0.20 -6.15
N GLY B 105 -13.44 0.45 -5.94
CA GLY B 105 -12.90 0.50 -4.59
C GLY B 105 -12.19 1.81 -4.32
N LEU B 106 -12.01 2.11 -3.04
CA LEU B 106 -11.33 3.32 -2.61
C LEU B 106 -10.37 2.97 -1.48
N LYS B 107 -9.12 3.36 -1.59
CA LYS B 107 -8.20 3.02 -0.52
C LYS B 107 -8.60 3.77 0.75
N LYS B 108 -8.02 3.33 1.87
CA LYS B 108 -8.26 3.94 3.16
C LYS B 108 -7.93 5.43 3.07
N ASN B 109 -6.92 5.79 2.28
CA ASN B 109 -6.51 7.17 2.09
C ASN B 109 -7.38 7.97 1.09
N GLY B 110 -8.47 7.40 0.60
CA GLY B 110 -9.30 8.13 -0.33
C GLY B 110 -8.90 8.16 -1.80
N SER B 111 -7.85 7.45 -2.19
CA SER B 111 -7.56 7.43 -3.62
C SER B 111 -8.15 6.13 -4.13
N CYS B 112 -8.58 6.15 -5.39
CA CYS B 112 -9.18 4.98 -6.04
C CYS B 112 -8.29 3.76 -5.86
N LYS B 113 -8.91 2.61 -5.67
CA LYS B 113 -8.17 1.38 -5.49
C LYS B 113 -8.19 0.53 -6.75
N ARG B 114 -7.07 0.47 -7.44
CA ARG B 114 -6.94 -0.30 -8.67
C ARG B 114 -7.75 -1.60 -8.71
N GLY B 115 -8.47 -1.80 -9.80
CA GLY B 115 -9.30 -2.99 -9.96
C GLY B 115 -8.60 -4.31 -9.63
N PRO B 116 -7.43 -4.55 -10.21
CA PRO B 116 -6.73 -5.81 -9.90
C PRO B 116 -6.24 -5.90 -8.45
N ARG B 117 -6.32 -4.78 -7.74
CA ARG B 117 -5.92 -4.77 -6.35
C ARG B 117 -7.14 -5.02 -5.49
N THR B 118 -8.32 -4.82 -6.06
CA THR B 118 -9.59 -5.04 -5.37
C THR B 118 -9.86 -6.53 -5.37
N HIS B 119 -10.83 -6.96 -4.57
CA HIS B 119 -11.19 -8.37 -4.52
C HIS B 119 -12.38 -8.61 -3.60
N TYR B 120 -13.16 -9.63 -3.93
CA TYR B 120 -14.33 -9.97 -3.14
C TYR B 120 -13.94 -10.25 -1.66
N GLY B 121 -14.46 -9.45 -0.75
CA GLY B 121 -14.19 -9.61 0.67
C GLY B 121 -13.63 -8.33 1.26
N GLN B 122 -12.82 -7.68 0.46
CA GLN B 122 -12.19 -6.45 0.88
C GLN B 122 -13.18 -5.37 1.27
N LYS B 123 -12.86 -4.75 2.39
CA LYS B 123 -13.60 -3.63 2.95
C LYS B 123 -13.58 -2.44 1.98
N ALA B 124 -12.64 -2.43 1.04
CA ALA B 124 -12.52 -1.33 0.07
C ALA B 124 -13.58 -1.33 -1.01
N ILE B 125 -14.29 -2.45 -1.13
CA ILE B 125 -15.32 -2.55 -2.15
C ILE B 125 -16.73 -2.25 -1.64
N LEU B 126 -16.86 -2.06 -0.33
CA LEU B 126 -18.15 -1.78 0.33
C LEU B 126 -18.58 -0.32 0.39
N PHE B 127 -19.66 -0.01 -0.32
CA PHE B 127 -20.21 1.35 -0.32
C PHE B 127 -21.55 1.40 0.43
N LEU B 128 -21.93 2.60 0.84
CA LEU B 128 -23.16 2.85 1.59
C LEU B 128 -24.00 3.96 0.91
N PRO B 129 -25.20 3.63 0.37
CA PRO B 129 -25.97 4.70 -0.26
C PRO B 129 -26.58 5.63 0.77
N LEU B 130 -26.09 6.86 0.79
CA LEU B 130 -26.56 7.90 1.70
C LEU B 130 -27.43 8.83 0.87
N PRO B 131 -28.46 9.44 1.49
CA PRO B 131 -29.41 10.36 0.87
C PRO B 131 -28.87 11.78 0.80
N VAL B 132 -29.47 12.59 -0.09
CA VAL B 132 -29.12 14.01 -0.30
C VAL B 132 -30.21 15.02 0.18
C1 SGN C . 2.09 0.47 -7.58
C2 SGN C . 0.95 0.84 -6.64
C3 SGN C . 1.58 1.24 -5.31
C4 SGN C . 2.30 -0.01 -4.74
C5 SGN C . 3.38 -0.42 -5.78
C6 SGN C . 4.18 -1.68 -5.44
N2 SGN C . 0.11 1.89 -7.25
O1 SGN C . 2.98 1.59 -7.72
O3 SGN C . 0.57 1.66 -4.42
O4 SGN C . 2.92 0.30 -3.52
O5 SGN C . 2.80 -0.65 -7.06
O6 SGN C . 3.32 -2.79 -5.44
S1 SGN C . -1.24 1.41 -8.08
O1S SGN C . -1.32 -0.03 -8.00
O2S SGN C . -2.36 2.05 -7.44
O3S SGN C . -1.03 1.85 -9.44
S2 SGN C . 3.73 -4.27 -5.13
O4S SGN C . 4.70 -4.20 -4.05
O5S SGN C . 2.53 -4.97 -4.75
O6S SGN C . 4.32 -4.77 -6.36
C1 IDS C . 2.45 -0.42 -2.42
C2 IDS C . 3.43 -0.32 -1.29
C3 IDS C . 3.38 1.00 -0.53
C4 IDS C . 1.95 1.44 -0.23
C5 IDS C . 1.18 1.37 -1.51
C6 IDS C . -0.23 1.96 -1.40
O2 IDS C . 3.15 -1.31 -0.40
O3 IDS C . 3.96 1.99 -1.33
O4 IDS C . 1.36 0.57 0.71
O5 IDS C . 1.17 0.04 -1.99
O6A IDS C . -1.21 1.29 -1.73
O6B IDS C . -0.40 3.11 -0.99
S IDS C . 4.03 -2.52 -0.04
O1S IDS C . 5.30 -1.95 0.30
O2S IDS C . 3.38 -3.18 1.03
O3S IDS C . 4.09 -3.32 -1.22
C1 SGN C . 0.90 1.20 1.90
C2 SGN C . 0.79 0.18 3.01
C3 SGN C . -0.31 -0.81 2.70
C4 SGN C . -1.64 -0.10 2.44
C5 SGN C . -1.41 0.96 1.37
C6 SGN C . -2.62 1.83 1.11
N2 SGN C . 2.07 -0.51 3.19
O3 SGN C . -0.48 -1.68 3.80
O4 SGN C . -2.57 -1.03 1.94
O5 SGN C . -0.35 1.84 1.74
O6 SGN C . -3.04 2.28 2.36
S1 SGN C . 3.34 0.28 3.87
O1S SGN C . 3.32 1.64 3.40
O2S SGN C . 3.14 0.20 5.28
O3S SGN C . 4.48 -0.46 3.42
S2 SGN C . -3.72 3.61 2.71
O4S SGN C . -4.92 3.67 1.94
O5S SGN C . -3.97 3.53 4.11
O6S SGN C . -2.81 4.62 2.32
C1 IDS C . -3.85 -0.95 2.46
C2 IDS C . -4.82 -1.76 1.60
C3 IDS C . -4.78 -3.28 1.83
C4 IDS C . -4.61 -3.61 3.30
C5 IDS C . -3.56 -2.72 3.98
C6 IDS C . -3.32 -3.01 5.45
O2 IDS C . -6.12 -1.33 1.87
O3 IDS C . -3.69 -3.84 1.12
O4 IDS C . -5.85 -3.44 3.91
O5 IDS C . -3.89 -1.39 3.81
O6A IDS C . -3.80 -2.33 6.32
O6B IDS C . -2.64 -3.93 5.80
S IDS C . -6.80 -0.08 1.29
O1S IDS C . -5.80 0.61 0.56
O2S IDS C . -7.88 -0.52 0.48
O3S IDS C . -7.23 0.63 2.43
C1 SGN C . -6.51 -4.65 4.07
C2 SGN C . -7.94 -4.41 4.54
C3 SGN C . -7.90 -3.82 5.91
C4 SGN C . -7.26 -4.87 6.78
C5 SGN C . -5.85 -4.97 6.29
C6 SGN C . -4.97 -5.85 7.10
N2 SGN C . -8.63 -3.60 3.58
O3 SGN C . -9.21 -3.58 6.32
O4 SGN C . -7.24 -4.47 8.10
O5 SGN C . -5.85 -5.48 5.00
O6 SGN C . -5.55 -7.09 7.15
S1 SGN C . -9.26 -4.36 2.30
O1S SGN C . -9.11 -5.77 2.46
O2S SGN C . -10.61 -3.97 2.32
O3S SGN C . -8.54 -3.89 1.18
S2 SGN C . -4.83 -8.33 7.71
O4S SGN C . -5.21 -8.34 9.11
O5S SGN C . -5.33 -9.46 6.97
O6S SGN C . -3.42 -8.08 7.48
C1 IDS C . -7.21 -5.52 9.03
C2 IDS C . -6.49 -5.02 10.27
C3 IDS C . -7.31 -4.06 11.18
C4 IDS C . -8.86 -4.28 11.09
C5 IDS C . -9.32 -4.85 9.74
C6 IDS C . -10.80 -5.25 9.62
O2 IDS C . -6.14 -6.10 11.06
O3 IDS C . -6.96 -2.74 10.79
O4 IDS C . -9.20 -5.22 12.10
O5 IDS C . -8.51 -5.93 9.37
O6A IDS C . -11.16 -6.07 8.78
O6B IDS C . -11.65 -4.73 10.34
S IDS C . -5.20 -6.00 12.30
O1S IDS C . -4.37 -4.83 12.01
O2S IDS C . -6.07 -5.81 13.45
O3S IDS C . -4.47 -7.24 12.34
#